data_3ICJ
#
_entry.id   3ICJ
#
_cell.length_a   58.869
_cell.length_b   116.438
_cell.length_c   169.660
_cell.angle_alpha   90.00
_cell.angle_beta   90.00
_cell.angle_gamma   90.00
#
_symmetry.space_group_name_H-M   'C 2 2 21'
#
loop_
_entity.id
_entity.type
_entity.pdbx_description
1 polymer 'uncharacterized metal-dependent hydrolase'
2 non-polymer 'ZINC ION'
3 water water
#
_entity_poly.entity_id   1
_entity_poly.type   'polypeptide(L)'
_entity_poly.pdbx_seq_one_letter_code
;MSLASLPISNFFTFNHQSTLFTKVKNFMGVKHIGDCMKALINGTIYTSFSPVKKVSGLVISNERVLYAGDSSTALRIAEL
AGGEIIDLKGKFVMPAFFDSHLHLDELGMSLEMVDLRGVKSMEELVERVKKGRGRIIFGFGWDQDELGRWPTREDLDVID
RPVFLYRRCFHVAVMNSKMIDLLNLKPSKDFDESTGIVRERALEESRKIINEKILTVKDYKHYIESAQEHLLSLGVHSVG
FMSVGEKALKALFELEREGRLKMNVFAYLSPELLDKLEELNLGKFEGRRLRIWGV(KCX)LFVDGSLGARTALLSEPYTD
NPTTSGELVMNKDEIVEVIERAKPLGLDVAVHAIGDKAVDVALDAFEEAEFSGRIEHASLVRDDQLERIKELKVRISAQP
HFIVSDWWIVNRVGEERAKWAYRLKTLSSITKLGFSTDSPIEPADPWVSIDAAVNRYVVDPGERVSREEALHLYTHGSAQ
VTLAEDLGKLERGFRAEYIILDRDPLKEMKGIITITTDPNSSSVDKLAAALEHHHHHH
;
_entity_poly.pdbx_strand_id   A
#
loop_
_chem_comp.id
_chem_comp.type
_chem_comp.name
_chem_comp.formula
ZN non-polymer 'ZINC ION' 'Zn 2'
#
# COMPACT_ATOMS: atom_id res chain seq x y z
N CYS A 36 -9.31 -18.62 25.20
CA CYS A 36 -10.49 -17.99 24.54
C CYS A 36 -10.99 -18.79 23.35
N MET A 37 -12.20 -19.35 23.48
CA MET A 37 -12.88 -20.04 22.40
C MET A 37 -14.21 -19.34 22.11
N LYS A 38 -14.51 -19.11 20.83
CA LYS A 38 -15.82 -18.62 20.40
C LYS A 38 -16.41 -19.37 19.21
N ALA A 39 -17.71 -19.58 19.27
CA ALA A 39 -18.47 -20.11 18.15
C ALA A 39 -19.40 -19.01 17.62
N LEU A 40 -19.25 -18.68 16.34
CA LEU A 40 -20.18 -17.79 15.64
C LEU A 40 -21.19 -18.69 14.95
N ILE A 41 -22.47 -18.58 15.33
CA ILE A 41 -23.53 -19.50 14.86
C ILE A 41 -24.70 -18.74 14.23
N ASN A 42 -25.65 -19.47 13.63
CA ASN A 42 -26.90 -18.89 13.09
C ASN A 42 -26.69 -17.69 12.12
N GLY A 43 -25.71 -17.85 11.23
CA GLY A 43 -25.47 -16.86 10.17
C GLY A 43 -24.84 -17.50 8.96
N THR A 44 -24.37 -16.68 8.02
CA THR A 44 -23.74 -17.17 6.80
C THR A 44 -22.28 -16.78 6.79
N ILE A 45 -21.41 -17.78 6.81
CA ILE A 45 -19.95 -17.53 6.87
C ILE A 45 -19.29 -17.97 5.57
N TYR A 46 -18.70 -17.02 4.84
CA TYR A 46 -17.86 -17.35 3.70
C TYR A 46 -16.48 -17.78 4.19
N THR A 47 -16.09 -19.01 3.87
CA THR A 47 -14.77 -19.47 4.22
C THR A 47 -13.80 -19.27 3.06
N SER A 48 -14.33 -19.05 1.86
CA SER A 48 -13.55 -18.99 0.64
C SER A 48 -14.36 -18.33 -0.48
N PHE A 49 -13.68 -17.63 -1.40
CA PHE A 49 -14.33 -17.06 -2.59
C PHE A 49 -13.81 -17.68 -3.89
N SER A 50 -12.83 -18.58 -3.77
CA SER A 50 -12.33 -19.30 -4.96
C SER A 50 -11.97 -20.75 -4.63
N PRO A 51 -12.94 -21.67 -4.74
CA PRO A 51 -14.36 -21.42 -5.09
C PRO A 51 -15.17 -20.93 -3.88
N VAL A 52 -16.33 -20.33 -4.14
CA VAL A 52 -17.21 -19.82 -3.07
C VAL A 52 -17.64 -20.98 -2.16
N LYS A 53 -17.42 -20.85 -0.85
CA LYS A 53 -17.87 -21.84 0.10
C LYS A 53 -18.47 -21.15 1.31
N LYS A 54 -19.71 -21.53 1.62
CA LYS A 54 -20.44 -20.99 2.75
C LYS A 54 -20.69 -22.08 3.78
N VAL A 55 -20.56 -21.72 5.05
CA VAL A 55 -20.94 -22.56 6.19
C VAL A 55 -21.88 -21.76 7.09
N SER A 56 -22.51 -22.41 8.07
CA SER A 56 -23.41 -21.71 8.99
C SER A 56 -22.86 -21.54 10.41
N GLY A 57 -21.72 -22.17 10.71
CA GLY A 57 -21.10 -22.06 12.03
C GLY A 57 -19.59 -22.08 11.98
N LEU A 58 -18.95 -21.29 12.85
CA LEU A 58 -17.50 -21.20 12.90
C LEU A 58 -17.01 -21.23 14.32
N VAL A 59 -16.17 -22.22 14.63
CA VAL A 59 -15.50 -22.26 15.93
C VAL A 59 -14.05 -21.78 15.83
N ILE A 60 -13.71 -20.84 16.71
CA ILE A 60 -12.42 -20.21 16.76
C ILE A 60 -11.80 -20.44 18.14
N SER A 61 -10.50 -20.79 18.18
CA SER A 61 -9.79 -20.79 19.45
C SER A 61 -8.31 -20.51 19.26
N ASN A 62 -7.77 -19.68 20.16
CA ASN A 62 -6.39 -19.22 20.11
C ASN A 62 -6.06 -18.52 18.77
N GLU A 63 -7.06 -17.79 18.26
CA GLU A 63 -6.97 -16.99 17.02
C GLU A 63 -6.78 -17.83 15.74
N ARG A 64 -7.24 -19.07 15.77
CA ARG A 64 -7.29 -19.93 14.58
C ARG A 64 -8.66 -20.57 14.46
N VAL A 65 -9.02 -20.94 13.23
CA VAL A 65 -10.30 -21.60 12.98
C VAL A 65 -10.14 -23.07 13.36
N LEU A 66 -11.04 -23.54 14.21
CA LEU A 66 -11.04 -24.89 14.74
C LEU A 66 -11.99 -25.78 13.92
N TYR A 67 -13.12 -25.19 13.54
CA TYR A 67 -14.18 -25.89 12.82
C TYR A 67 -14.94 -24.88 11.95
N ALA A 68 -15.24 -25.29 10.72
CA ALA A 68 -16.14 -24.56 9.82
C ALA A 68 -17.15 -25.55 9.25
N GLY A 69 -18.45 -25.35 9.53
CA GLY A 69 -19.48 -26.31 9.10
C GLY A 69 -20.85 -25.93 9.61
N ASP A 70 -21.63 -26.94 10.01
CA ASP A 70 -22.99 -26.79 10.57
C ASP A 70 -23.02 -25.94 11.83
N SER A 71 -23.98 -25.01 11.88
CA SER A 71 -24.25 -24.18 13.05
C SER A 71 -24.45 -25.03 14.32
N SER A 72 -25.23 -26.11 14.21
CA SER A 72 -25.50 -26.99 15.36
C SER A 72 -24.26 -27.74 15.88
N THR A 73 -23.42 -28.23 14.96
CA THR A 73 -22.16 -28.88 15.32
C THR A 73 -21.23 -27.87 16.04
N ALA A 74 -21.14 -26.66 15.49
CA ALA A 74 -20.39 -25.56 16.10
C ALA A 74 -20.91 -25.20 17.51
N LEU A 75 -22.23 -25.18 17.66
CA LEU A 75 -22.85 -24.92 18.94
C LEU A 75 -22.50 -26.02 19.94
N ARG A 76 -22.57 -27.27 19.50
CA ARG A 76 -22.29 -28.43 20.35
C ARG A 76 -20.81 -28.46 20.78
N ILE A 77 -19.89 -28.10 19.89
CA ILE A 77 -18.46 -28.05 20.23
C ILE A 77 -18.19 -27.03 21.36
N ALA A 78 -18.77 -25.84 21.20
CA ALA A 78 -18.62 -24.76 22.17
C ALA A 78 -19.31 -25.05 23.50
N GLU A 79 -20.43 -25.79 23.44
CA GLU A 79 -21.09 -26.25 24.65
C GLU A 79 -20.18 -27.22 25.43
N LEU A 80 -19.53 -28.13 24.73
CA LEU A 80 -18.67 -29.13 25.39
C LEU A 80 -17.39 -28.53 25.97
N ALA A 81 -16.83 -27.55 25.26
CA ALA A 81 -15.53 -26.99 25.65
C ALA A 81 -15.66 -25.71 26.48
N GLY A 82 -16.89 -25.24 26.69
CA GLY A 82 -17.15 -24.05 27.48
C GLY A 82 -16.74 -22.73 26.85
N GLY A 83 -16.95 -22.61 25.54
CA GLY A 83 -16.66 -21.36 24.82
C GLY A 83 -17.83 -20.38 24.79
N GLU A 84 -17.54 -19.17 24.32
CA GLU A 84 -18.54 -18.13 24.14
C GLU A 84 -19.39 -18.41 22.88
N ILE A 85 -20.70 -18.19 22.97
CA ILE A 85 -21.60 -18.34 21.82
C ILE A 85 -21.89 -16.95 21.26
N ILE A 86 -21.56 -16.71 19.99
CA ILE A 86 -21.95 -15.46 19.31
C ILE A 86 -23.01 -15.77 18.27
N ASP A 87 -24.24 -15.31 18.52
CA ASP A 87 -25.36 -15.55 17.62
C ASP A 87 -25.38 -14.46 16.55
N LEU A 88 -25.07 -14.83 15.31
CA LEU A 88 -24.99 -13.85 14.20
C LEU A 88 -26.34 -13.26 13.79
N LYS A 89 -27.41 -13.98 14.10
CA LYS A 89 -28.76 -13.56 13.78
C LYS A 89 -28.90 -13.27 12.29
N GLY A 90 -28.44 -14.20 11.48
CA GLY A 90 -28.58 -14.08 10.03
C GLY A 90 -27.55 -13.20 9.33
N LYS A 91 -26.63 -12.62 10.11
CA LYS A 91 -25.59 -11.76 9.54
C LYS A 91 -24.54 -12.56 8.77
N PHE A 92 -23.74 -11.85 8.00
CA PHE A 92 -22.72 -12.48 7.15
C PHE A 92 -21.30 -12.30 7.71
N VAL A 93 -20.49 -13.35 7.58
CA VAL A 93 -19.07 -13.28 7.95
C VAL A 93 -18.23 -13.54 6.68
N MET A 94 -17.05 -12.91 6.59
CA MET A 94 -16.09 -13.21 5.51
C MET A 94 -14.65 -13.03 6.02
N PRO A 95 -13.64 -13.64 5.33
CA PRO A 95 -12.26 -13.36 5.70
C PRO A 95 -12.00 -11.85 5.60
N ALA A 96 -11.24 -11.31 6.56
CA ALA A 96 -10.91 -9.91 6.53
C ALA A 96 -10.05 -9.57 5.31
N PHE A 97 -10.13 -8.31 4.89
CA PHE A 97 -9.33 -7.85 3.75
C PHE A 97 -7.84 -7.90 4.09
N PHE A 98 -7.05 -8.11 3.06
CA PHE A 98 -5.61 -8.18 3.17
C PHE A 98 -5.15 -7.25 2.05
N ASP A 99 -4.63 -6.08 2.43
CA ASP A 99 -4.06 -5.13 1.48
C ASP A 99 -2.58 -5.46 1.25
N SER A 100 -2.24 -5.98 0.08
CA SER A 100 -0.91 -6.53 -0.09
C SER A 100 0.21 -5.49 -0.32
N HIS A 101 -0.17 -4.21 -0.47
CA HIS A 101 0.81 -3.13 -0.72
C HIS A 101 0.30 -1.78 -0.24
N LEU A 102 0.85 -1.30 0.88
CA LEU A 102 0.61 0.07 1.27
C LEU A 102 1.74 0.64 2.14
N HIS A 103 1.62 1.92 2.47
CA HIS A 103 2.65 2.59 3.25
C HIS A 103 2.01 3.12 4.51
N LEU A 104 2.11 2.34 5.59
CA LEU A 104 1.43 2.65 6.86
C LEU A 104 1.90 3.97 7.46
N ASP A 105 3.21 4.25 7.38
CA ASP A 105 3.73 5.53 7.90
C ASP A 105 3.16 6.74 7.12
N GLU A 106 3.24 6.67 5.79
CA GLU A 106 2.71 7.71 4.91
C GLU A 106 1.20 7.85 5.02
N LEU A 107 0.47 6.73 5.13
CA LEU A 107 -0.97 6.79 5.37
C LEU A 107 -1.28 7.54 6.67
N GLY A 108 -0.54 7.21 7.73
CA GLY A 108 -0.67 7.94 9.01
C GLY A 108 -0.40 9.44 8.95
N MET A 109 0.68 9.82 8.24
CA MET A 109 1.03 11.22 8.00
CA MET A 109 1.01 11.24 8.02
C MET A 109 -0.14 11.93 7.31
N SER A 110 -0.72 11.24 6.30
CA SER A 110 -1.81 11.79 5.49
CA SER A 110 -1.80 11.77 5.48
C SER A 110 -3.10 12.04 6.27
N LEU A 111 -3.43 11.12 7.18
CA LEU A 111 -4.59 11.28 8.06
C LEU A 111 -4.45 12.44 9.06
N GLU A 112 -3.22 12.73 9.49
CA GLU A 112 -2.89 13.82 10.41
C GLU A 112 -2.78 15.20 9.78
N MET A 113 -2.60 15.25 8.46
CA MET A 113 -2.30 16.50 7.77
C MET A 113 -3.46 17.47 7.86
N VAL A 114 -3.13 18.76 7.91
CA VAL A 114 -4.16 19.80 7.87
C VAL A 114 -4.70 19.90 6.44
N ASP A 115 -6.02 19.75 6.31
CA ASP A 115 -6.72 19.85 5.02
C ASP A 115 -6.98 21.30 4.58
N LEU A 116 -6.31 21.73 3.52
CA LEU A 116 -6.38 23.11 3.02
C LEU A 116 -7.04 23.25 1.65
N ARG A 117 -7.79 22.22 1.22
CA ARG A 117 -8.49 22.26 -0.07
C ARG A 117 -9.68 23.21 -0.02
N GLY A 118 -9.78 24.09 -1.01
CA GLY A 118 -10.90 25.03 -1.11
C GLY A 118 -10.82 26.25 -0.21
N VAL A 119 -9.64 26.52 0.35
CA VAL A 119 -9.41 27.71 1.19
C VAL A 119 -9.37 28.99 0.33
N LYS A 120 -10.20 29.97 0.70
CA LYS A 120 -10.44 31.13 -0.16
C LYS A 120 -9.54 32.35 0.10
N SER A 121 -8.92 32.42 1.27
CA SER A 121 -8.05 33.55 1.60
C SER A 121 -6.88 33.14 2.48
N MET A 122 -5.82 33.95 2.48
CA MET A 122 -4.64 33.71 3.32
C MET A 122 -4.99 33.73 4.82
N GLU A 123 -6.00 34.51 5.19
CA GLU A 123 -6.53 34.59 6.56
C GLU A 123 -7.09 33.24 7.01
N GLU A 124 -7.94 32.63 6.21
CA GLU A 124 -8.44 31.33 6.48
C GLU A 124 -7.40 30.19 6.45
N LEU A 125 -6.46 30.31 5.52
CA LEU A 125 -5.36 29.34 5.44
C LEU A 125 -4.56 29.37 6.73
N VAL A 126 -4.22 30.57 7.18
CA VAL A 126 -3.48 30.76 8.44
C VAL A 126 -4.25 30.20 9.66
N GLU A 127 -5.56 30.44 9.72
CA GLU A 127 -6.44 29.87 10.76
C GLU A 127 -6.49 28.35 10.79
N ARG A 128 -6.55 27.74 9.61
CA ARG A 128 -6.63 26.28 9.50
C ARG A 128 -5.32 25.62 9.91
N VAL A 129 -4.19 26.25 9.53
CA VAL A 129 -2.86 25.77 9.90
C VAL A 129 -2.66 25.87 11.42
N LYS A 130 -3.06 26.99 12.02
CA LYS A 130 -2.97 27.19 13.46
C LYS A 130 -3.72 26.15 14.28
N LYS A 131 -4.77 25.57 13.70
CA LYS A 131 -5.57 24.52 14.36
C LYS A 131 -4.97 23.12 14.25
N GLY A 132 -3.74 23.00 13.73
CA GLY A 132 -3.01 21.72 13.70
C GLY A 132 -2.30 21.43 15.01
N ARG A 133 -2.28 20.17 15.43
CA ARG A 133 -1.73 19.81 16.74
C ARG A 133 -0.19 19.76 16.74
N GLY A 134 0.36 19.04 15.78
CA GLY A 134 1.76 18.61 15.80
C GLY A 134 2.81 19.65 16.24
N ARG A 135 3.92 19.16 16.79
CA ARG A 135 5.09 20.01 17.08
C ARG A 135 5.59 20.62 15.77
N ILE A 136 5.39 19.87 14.68
CA ILE A 136 5.46 20.36 13.30
C ILE A 136 4.07 20.21 12.64
N ILE A 137 3.62 21.24 11.94
CA ILE A 137 2.34 21.21 11.23
C ILE A 137 2.54 20.92 9.75
N PHE A 138 2.07 19.76 9.31
CA PHE A 138 2.03 19.38 7.90
C PHE A 138 0.64 19.56 7.35
N GLY A 139 0.57 20.04 6.10
CA GLY A 139 -0.71 20.26 5.44
C GLY A 139 -0.60 20.12 3.94
N PHE A 140 -1.74 20.19 3.24
CA PHE A 140 -1.79 19.92 1.80
C PHE A 140 -3.00 20.58 1.15
N GLY A 141 -2.94 20.72 -0.18
CA GLY A 141 -4.12 21.02 -0.96
C GLY A 141 -4.47 22.47 -1.23
N TRP A 142 -3.57 23.41 -0.87
CA TRP A 142 -3.80 24.81 -1.22
C TRP A 142 -3.57 25.09 -2.71
N ASP A 143 -4.09 26.22 -3.17
CA ASP A 143 -4.01 26.63 -4.57
C ASP A 143 -4.00 28.15 -4.54
N GLN A 144 -2.99 28.74 -5.20
CA GLN A 144 -2.82 30.21 -5.21
C GLN A 144 -3.92 30.96 -5.98
N ASP A 145 -4.62 30.27 -6.88
CA ASP A 145 -5.77 30.82 -7.60
C ASP A 145 -6.98 30.98 -6.69
N GLU A 146 -7.21 29.97 -5.84
CA GLU A 146 -8.27 30.00 -4.84
C GLU A 146 -7.96 30.99 -3.71
N LEU A 147 -6.69 31.15 -3.40
CA LEU A 147 -6.21 32.08 -2.36
C LEU A 147 -6.20 33.55 -2.79
N GLY A 148 -5.94 33.78 -4.08
CA GLY A 148 -5.82 35.15 -4.62
C GLY A 148 -4.37 35.55 -4.86
N ARG A 149 -3.45 34.86 -4.20
CA ARG A 149 -2.01 35.03 -4.37
C ARG A 149 -1.28 33.81 -3.83
N TRP A 150 0.04 33.76 -4.00
CA TRP A 150 0.84 32.67 -3.47
C TRP A 150 1.06 32.84 -1.96
N PRO A 151 0.98 31.73 -1.20
CA PRO A 151 1.39 31.79 0.21
C PRO A 151 2.91 31.87 0.29
N THR A 152 3.43 32.57 1.29
CA THR A 152 4.86 32.68 1.44
C THR A 152 5.29 32.45 2.87
N ARG A 153 6.60 32.28 3.02
CA ARG A 153 7.31 32.19 4.29
C ARG A 153 6.89 33.25 5.30
N GLU A 154 6.74 34.50 4.83
CA GLU A 154 6.34 35.64 5.65
C GLU A 154 4.89 35.53 6.20
N ASP A 155 3.96 35.04 5.38
CA ASP A 155 2.57 34.80 5.83
C ASP A 155 2.52 33.75 6.95
N LEU A 156 3.38 32.73 6.84
CA LEU A 156 3.36 31.61 7.77
C LEU A 156 4.27 31.81 8.97
N ASP A 157 5.08 32.87 8.95
CA ASP A 157 5.93 33.21 10.09
C ASP A 157 5.17 33.72 11.30
N VAL A 158 3.86 33.97 11.15
CA VAL A 158 3.01 34.30 12.31
C VAL A 158 2.74 33.10 13.23
N ILE A 159 2.91 31.89 12.70
CA ILE A 159 2.77 30.62 13.44
C ILE A 159 4.12 30.24 14.07
N ASP A 160 4.13 30.01 15.39
CA ASP A 160 5.41 29.83 16.10
C ASP A 160 5.97 28.39 16.16
N ARG A 161 5.51 27.53 15.27
CA ARG A 161 6.19 26.26 15.09
CA ARG A 161 5.98 26.17 15.08
C ARG A 161 6.41 25.89 13.63
N PRO A 162 7.24 24.88 13.35
CA PRO A 162 7.51 24.57 11.94
C PRO A 162 6.26 24.18 11.16
N VAL A 163 6.19 24.65 9.92
CA VAL A 163 5.02 24.49 9.07
C VAL A 163 5.52 24.05 7.70
N PHE A 164 4.87 23.06 7.10
CA PHE A 164 5.27 22.59 5.77
C PHE A 164 4.00 22.21 5.03
N LEU A 165 3.68 22.95 3.98
CA LEU A 165 2.36 22.84 3.32
C LEU A 165 2.46 22.55 1.82
N TYR A 166 2.02 21.36 1.42
CA TYR A 166 1.99 20.99 0.01
C TYR A 166 0.99 21.86 -0.76
N ARG A 167 1.30 22.12 -2.02
CA ARG A 167 0.28 22.54 -2.99
C ARG A 167 -0.59 21.36 -3.41
N ARG A 168 -1.70 21.66 -4.07
CA ARG A 168 -2.61 20.63 -4.55
C ARG A 168 -1.85 19.51 -5.25
N CYS A 169 -1.00 19.88 -6.20
CA CYS A 169 -0.37 18.91 -7.08
C CYS A 169 0.57 17.99 -6.31
N PHE A 170 0.98 18.43 -5.13
CA PHE A 170 2.14 17.81 -4.42
C PHE A 170 3.48 17.98 -5.14
N HIS A 171 3.52 18.84 -6.17
CA HIS A 171 4.76 19.10 -6.90
C HIS A 171 5.47 20.34 -6.34
N VAL A 172 4.80 21.06 -5.44
CA VAL A 172 5.32 22.32 -4.83
C VAL A 172 4.94 22.34 -3.34
N ALA A 173 5.76 22.95 -2.49
CA ALA A 173 5.39 23.17 -1.09
C ALA A 173 5.83 24.54 -0.59
N VAL A 174 5.12 25.09 0.38
CA VAL A 174 5.54 26.33 1.06
C VAL A 174 5.84 26.00 2.53
N MET A 175 6.84 26.68 3.09
CA MET A 175 7.22 26.49 4.48
C MET A 175 7.51 27.83 5.18
N ASN A 176 7.48 27.86 6.51
CA ASN A 176 7.91 29.06 7.21
C ASN A 176 9.41 29.01 7.55
N SER A 177 9.92 30.04 8.23
CA SER A 177 11.34 30.18 8.56
C SER A 177 11.88 29.08 9.47
N LYS A 178 11.09 28.71 10.49
CA LYS A 178 11.44 27.63 11.42
C LYS A 178 11.70 26.32 10.69
N MET A 179 10.82 26.00 9.75
CA MET A 179 10.97 24.81 8.93
C MET A 179 12.20 24.91 8.01
N ILE A 180 12.41 26.07 7.39
CA ILE A 180 13.60 26.32 6.55
C ILE A 180 14.89 26.07 7.35
N ASP A 181 14.92 26.55 8.58
CA ASP A 181 16.07 26.41 9.49
C ASP A 181 16.37 24.95 9.83
N LEU A 182 15.31 24.16 9.96
CA LEU A 182 15.46 22.73 10.25
C LEU A 182 15.99 21.95 9.05
N LEU A 183 15.64 22.38 7.84
CA LEU A 183 16.04 21.68 6.62
C LEU A 183 17.49 21.91 6.19
N ASN A 184 17.94 23.16 6.27
CA ASN A 184 19.26 23.55 5.80
C ASN A 184 19.57 23.14 4.35
N LEU A 185 18.62 23.38 3.45
CA LEU A 185 18.77 23.05 2.03
C LEU A 185 19.84 23.90 1.37
N LYS A 186 20.57 23.31 0.41
CA LYS A 186 21.57 24.03 -0.38
C LYS A 186 20.85 24.89 -1.42
N PRO A 187 21.42 26.07 -1.76
CA PRO A 187 20.79 26.89 -2.82
C PRO A 187 20.62 26.12 -4.13
N SER A 188 19.45 26.26 -4.77
CA SER A 188 19.22 25.75 -6.12
C SER A 188 18.12 26.54 -6.81
N LYS A 189 17.97 26.31 -8.11
CA LYS A 189 16.86 26.92 -8.86
C LYS A 189 15.47 26.36 -8.48
N ASP A 190 15.46 25.31 -7.66
CA ASP A 190 14.23 24.70 -7.16
C ASP A 190 13.81 25.22 -5.78
N PHE A 191 14.63 26.09 -5.19
CA PHE A 191 14.35 26.60 -3.85
C PHE A 191 14.40 28.12 -3.86
N ASP A 192 13.27 28.72 -3.51
CA ASP A 192 13.20 30.17 -3.31
C ASP A 192 13.18 30.41 -1.80
N GLU A 193 14.34 30.76 -1.26
CA GLU A 193 14.53 30.97 0.17
C GLU A 193 13.72 32.15 0.71
N SER A 194 13.59 33.23 -0.09
CA SER A 194 12.83 34.41 0.33
C SER A 194 11.35 34.13 0.57
N THR A 195 10.77 33.24 -0.24
CA THR A 195 9.34 32.87 -0.11
C THR A 195 9.08 31.51 0.56
N GLY A 196 10.13 30.72 0.76
CA GLY A 196 10.00 29.40 1.41
C GLY A 196 9.32 28.39 0.50
N ILE A 197 9.45 28.58 -0.81
CA ILE A 197 8.80 27.71 -1.78
C ILE A 197 9.82 26.70 -2.38
N VAL A 198 9.45 25.43 -2.43
CA VAL A 198 10.27 24.41 -3.06
C VAL A 198 9.57 23.66 -4.19
N ARG A 199 10.35 23.29 -5.20
CA ARG A 199 9.85 22.62 -6.38
C ARG A 199 10.69 21.39 -6.67
N GLU A 200 10.15 20.49 -7.48
CA GLU A 200 10.93 19.44 -8.10
C GLU A 200 11.93 18.78 -7.16
N ARG A 201 13.21 18.93 -7.46
CA ARG A 201 14.26 18.21 -6.73
C ARG A 201 14.25 18.59 -5.26
N ALA A 202 14.14 19.89 -4.98
CA ALA A 202 14.38 20.41 -3.65
C ALA A 202 13.25 20.05 -2.73
N LEU A 203 12.07 19.89 -3.30
CA LEU A 203 10.93 19.32 -2.59
C LEU A 203 11.13 17.84 -2.23
N GLU A 204 11.57 17.04 -3.20
CA GLU A 204 11.97 15.64 -2.97
C GLU A 204 13.01 15.51 -1.87
N GLU A 205 14.06 16.33 -1.92
CA GLU A 205 15.09 16.40 -0.87
C GLU A 205 14.54 16.87 0.50
N SER A 206 13.64 17.87 0.48
CA SER A 206 12.92 18.31 1.69
C SER A 206 12.19 17.15 2.36
N ARG A 207 11.46 16.37 1.57
CA ARG A 207 10.75 15.19 2.04
C ARG A 207 11.72 14.21 2.66
N LYS A 208 12.82 13.95 1.97
CA LYS A 208 13.83 12.99 2.42
C LYS A 208 14.38 13.39 3.78
N ILE A 209 14.72 14.69 3.93
CA ILE A 209 15.28 15.22 5.19
C ILE A 209 14.23 15.16 6.32
N ILE A 210 12.99 15.51 6.00
CA ILE A 210 11.88 15.39 6.94
C ILE A 210 11.72 13.95 7.46
N ASN A 211 11.69 12.99 6.53
CA ASN A 211 11.49 11.58 6.86
C ASN A 211 12.64 10.92 7.60
N GLU A 212 13.87 11.28 7.25
CA GLU A 212 15.06 10.64 7.79
C GLU A 212 15.68 11.36 9.00
N LYS A 213 15.70 12.69 8.96
CA LYS A 213 16.33 13.48 10.03
C LYS A 213 15.38 14.06 11.08
N ILE A 214 14.29 14.69 10.65
CA ILE A 214 13.44 15.52 11.55
C ILE A 214 12.39 14.72 12.34
N LEU A 215 11.60 13.90 11.66
CA LEU A 215 10.64 13.01 12.32
C LEU A 215 11.35 12.00 13.23
N THR A 216 10.74 11.68 14.37
CA THR A 216 11.36 10.81 15.37
C THR A 216 10.69 9.43 15.33
N VAL A 217 11.25 8.48 16.07
CA VAL A 217 10.64 7.15 16.26
C VAL A 217 9.22 7.27 16.83
N LYS A 218 9.04 8.11 17.86
CA LYS A 218 7.70 8.38 18.42
C LYS A 218 6.70 8.91 17.39
N ASP A 219 7.13 9.85 16.54
CA ASP A 219 6.28 10.33 15.44
C ASP A 219 5.84 9.16 14.55
N TYR A 220 6.77 8.28 14.21
CA TYR A 220 6.43 7.12 13.37
C TYR A 220 5.48 6.12 14.01
N LYS A 221 5.62 5.92 15.33
CA LYS A 221 4.71 5.05 16.09
C LYS A 221 3.28 5.59 16.00
N HIS A 222 3.17 6.90 16.17
CA HIS A 222 1.89 7.59 16.09
C HIS A 222 1.26 7.48 14.70
N TYR A 223 2.04 7.74 13.65
CA TYR A 223 1.56 7.56 12.26
C TYR A 223 1.07 6.16 11.99
N ILE A 224 1.86 5.18 12.40
CA ILE A 224 1.52 3.80 12.19
C ILE A 224 0.24 3.43 12.95
N GLU A 225 0.13 3.88 14.21
CA GLU A 225 -1.12 3.65 14.97
C GLU A 225 -2.37 4.33 14.38
N SER A 226 -2.23 5.54 13.84
CA SER A 226 -3.35 6.20 13.12
C SER A 226 -3.79 5.44 11.87
N ALA A 227 -2.82 5.00 11.04
CA ALA A 227 -3.09 4.14 9.87
C ALA A 227 -3.79 2.84 10.24
N GLN A 228 -3.30 2.20 11.30
CA GLN A 228 -3.83 0.93 11.76
C GLN A 228 -5.29 1.05 12.21
N GLU A 229 -5.60 2.09 12.99
CA GLU A 229 -6.98 2.39 13.38
C GLU A 229 -7.91 2.62 12.19
N HIS A 230 -7.39 3.31 11.17
CA HIS A 230 -8.16 3.63 9.96
C HIS A 230 -8.43 2.34 9.18
N LEU A 231 -7.39 1.52 9.00
CA LEU A 231 -7.49 0.29 8.22
C LEU A 231 -8.43 -0.75 8.86
N LEU A 232 -8.31 -0.91 10.18
CA LEU A 232 -9.17 -1.82 10.94
C LEU A 232 -10.65 -1.46 10.83
N SER A 233 -10.98 -0.17 10.93
CA SER A 233 -12.35 0.30 10.76
C SER A 233 -12.91 0.03 9.37
N LEU A 234 -12.03 -0.11 8.38
CA LEU A 234 -12.41 -0.49 7.02
C LEU A 234 -12.41 -2.02 6.75
N GLY A 235 -12.15 -2.81 7.79
CA GLY A 235 -12.13 -4.27 7.67
C GLY A 235 -10.84 -4.90 7.15
N VAL A 236 -9.74 -4.15 7.17
CA VAL A 236 -8.44 -4.63 6.72
C VAL A 236 -7.63 -5.04 7.95
N HIS A 237 -7.28 -6.31 8.05
CA HIS A 237 -6.59 -6.85 9.23
C HIS A 237 -5.14 -7.26 8.97
N SER A 238 -4.70 -7.22 7.71
CA SER A 238 -3.33 -7.60 7.33
C SER A 238 -2.86 -6.72 6.18
N VAL A 239 -1.57 -6.36 6.18
CA VAL A 239 -1.01 -5.45 5.18
C VAL A 239 0.38 -5.90 4.76
N GLY A 240 0.70 -5.69 3.49
CA GLY A 240 2.10 -5.70 3.08
C GLY A 240 2.55 -4.27 3.22
N PHE A 241 3.45 -4.02 4.17
CA PHE A 241 3.97 -2.67 4.40
C PHE A 241 5.27 -2.51 3.60
N MET A 242 5.22 -1.70 2.53
CA MET A 242 6.34 -1.57 1.59
C MET A 242 7.23 -0.40 1.98
N SER A 243 8.51 -0.47 1.61
CA SER A 243 9.49 0.60 1.86
C SER A 243 9.61 1.01 3.32
N VAL A 244 9.81 0.03 4.20
CA VAL A 244 10.01 0.31 5.62
C VAL A 244 11.49 0.76 5.80
N GLY A 245 11.69 2.03 6.17
CA GLY A 245 13.01 2.59 6.45
C GLY A 245 13.43 2.41 7.90
N GLU A 246 14.56 3.00 8.27
CA GLU A 246 15.16 2.85 9.60
C GLU A 246 14.20 3.18 10.74
N LYS A 247 13.63 4.38 10.72
CA LYS A 247 12.74 4.83 11.81
C LYS A 247 11.38 4.12 11.88
N ALA A 248 10.81 3.83 10.71
CA ALA A 248 9.58 3.03 10.66
C ALA A 248 9.76 1.62 11.24
N LEU A 249 10.86 0.93 10.90
CA LEU A 249 11.23 -0.34 11.56
C LEU A 249 11.43 -0.21 13.07
N LYS A 250 12.19 0.79 13.52
CA LYS A 250 12.36 1.02 14.96
C LYS A 250 11.00 1.20 15.65
N ALA A 251 10.08 1.90 14.98
CA ALA A 251 8.70 2.07 15.50
C ALA A 251 7.91 0.77 15.54
N LEU A 252 8.02 -0.05 14.50
CA LEU A 252 7.32 -1.33 14.44
C LEU A 252 7.79 -2.33 15.51
N PHE A 253 9.10 -2.46 15.74
CA PHE A 253 9.62 -3.35 16.81
C PHE A 253 9.08 -2.86 18.16
N GLU A 254 9.05 -1.56 18.34
CA GLU A 254 8.55 -0.99 19.63
C GLU A 254 7.05 -1.25 19.84
N LEU A 255 6.24 -0.96 18.81
CA LEU A 255 4.81 -1.26 18.86
C LEU A 255 4.51 -2.74 19.13
N GLU A 256 5.24 -3.63 18.44
CA GLU A 256 5.15 -5.09 18.62
C GLU A 256 5.40 -5.52 20.07
N ARG A 257 6.55 -5.18 20.65
CA ARG A 257 6.82 -5.54 22.06
C ARG A 257 5.92 -4.81 23.08
N GLU A 258 5.39 -3.65 22.73
CA GLU A 258 4.39 -2.97 23.56
C GLU A 258 2.97 -3.49 23.46
N GLY A 259 2.73 -4.46 22.60
CA GLY A 259 1.41 -5.06 22.42
C GLY A 259 0.45 -4.10 21.72
N ARG A 260 0.99 -3.15 20.98
CA ARG A 260 0.21 -2.06 20.37
C ARG A 260 -0.03 -2.26 18.87
N LEU A 261 0.54 -3.31 18.29
CA LEU A 261 0.15 -3.73 16.94
C LEU A 261 -1.11 -4.58 17.01
N LYS A 262 -2.11 -4.21 16.21
CA LYS A 262 -3.40 -4.90 16.22
CA LYS A 262 -3.40 -4.91 16.22
C LYS A 262 -3.79 -5.50 14.85
N MET A 263 -2.82 -5.56 13.95
CA MET A 263 -3.05 -6.08 12.61
C MET A 263 -1.78 -6.78 12.19
N ASN A 264 -1.88 -7.70 11.24
CA ASN A 264 -0.71 -8.42 10.70
C ASN A 264 0.07 -7.56 9.74
N VAL A 265 1.34 -7.33 10.04
CA VAL A 265 2.15 -6.35 9.29
C VAL A 265 3.30 -7.12 8.69
N PHE A 266 3.30 -7.26 7.37
CA PHE A 266 4.39 -7.95 6.69
C PHE A 266 5.32 -6.89 6.11
N ALA A 267 6.45 -6.67 6.77
CA ALA A 267 7.30 -5.52 6.48
C ALA A 267 8.28 -5.83 5.36
N TYR A 268 8.27 -5.01 4.31
CA TYR A 268 9.23 -5.14 3.21
C TYR A 268 10.17 -3.95 3.33
N LEU A 269 11.39 -4.22 3.77
CA LEU A 269 12.33 -3.18 4.21
C LEU A 269 13.02 -2.49 3.05
N SER A 270 13.39 -1.22 3.22
CA SER A 270 14.30 -0.59 2.27
CA SER A 270 14.31 -0.58 2.29
C SER A 270 15.68 -1.30 2.34
N PRO A 271 16.40 -1.41 1.17
CA PRO A 271 17.67 -2.15 1.07
C PRO A 271 18.82 -1.60 1.92
N GLU A 272 18.73 -0.33 2.34
CA GLU A 272 19.67 0.27 3.30
C GLU A 272 19.75 -0.49 4.62
N LEU A 273 18.66 -1.14 5.00
CA LEU A 273 18.63 -1.93 6.23
C LEU A 273 19.37 -3.28 6.17
N LEU A 274 19.74 -3.75 4.98
CA LEU A 274 20.48 -5.04 4.85
C LEU A 274 21.80 -5.13 5.61
N ASP A 275 22.57 -4.03 5.67
CA ASP A 275 23.81 -4.02 6.43
C ASP A 275 23.61 -4.41 7.90
N LYS A 276 22.60 -3.83 8.57
CA LYS A 276 22.35 -4.11 9.98
C LYS A 276 21.77 -5.51 10.19
N LEU A 277 20.91 -5.94 9.26
CA LEU A 277 20.37 -7.31 9.29
C LEU A 277 21.48 -8.38 9.17
N GLU A 278 22.38 -8.22 8.21
CA GLU A 278 23.52 -9.13 7.99
C GLU A 278 24.48 -9.21 9.16
N GLU A 279 24.61 -8.11 9.91
CA GLU A 279 25.49 -8.06 11.07
C GLU A 279 24.93 -8.80 12.28
N LEU A 280 23.62 -9.08 12.26
CA LEU A 280 23.00 -9.94 13.26
C LEU A 280 22.58 -11.30 12.71
N ASN A 281 22.76 -11.50 11.39
CA ASN A 281 22.10 -12.58 10.63
C ASN A 281 20.58 -12.63 10.85
N LEU A 282 19.96 -11.47 11.04
CA LEU A 282 18.51 -11.39 11.16
C LEU A 282 17.87 -11.33 9.79
N GLY A 283 17.01 -12.31 9.48
CA GLY A 283 16.35 -12.32 8.20
C GLY A 283 14.86 -12.46 8.40
N LYS A 284 14.26 -13.36 7.65
CA LYS A 284 12.83 -13.66 7.79
CA LYS A 284 12.83 -13.66 7.79
C LYS A 284 12.51 -14.04 9.24
N PHE A 285 11.51 -13.38 9.82
CA PHE A 285 11.17 -13.54 11.25
C PHE A 285 9.71 -13.21 11.47
N GLU A 286 9.00 -14.15 12.08
CA GLU A 286 7.56 -13.99 12.37
C GLU A 286 7.30 -13.77 13.85
N GLY A 287 6.95 -12.54 14.24
CA GLY A 287 6.42 -12.27 15.58
C GLY A 287 4.93 -12.49 15.66
N ARG A 288 4.28 -11.98 16.72
CA ARG A 288 2.82 -12.15 16.89
C ARG A 288 2.03 -11.36 15.86
N ARG A 289 2.43 -10.11 15.63
CA ARG A 289 1.85 -9.27 14.57
C ARG A 289 2.84 -8.83 13.49
N LEU A 290 4.05 -8.41 13.90
CA LEU A 290 5.08 -7.93 12.98
C LEU A 290 5.82 -9.11 12.37
N ARG A 291 5.92 -9.10 11.05
CA ARG A 291 6.77 -10.03 10.33
C ARG A 291 7.85 -9.22 9.58
N ILE A 292 9.11 -9.62 9.77
CA ILE A 292 10.22 -9.11 8.96
C ILE A 292 10.23 -10.04 7.76
N TRP A 293 9.81 -9.55 6.59
CA TRP A 293 9.41 -10.47 5.50
C TRP A 293 10.18 -10.33 4.19
N GLY A 294 10.59 -9.10 3.89
CA GLY A 294 11.19 -8.85 2.59
C GLY A 294 11.92 -7.55 2.40
N VAL A 295 12.29 -7.30 1.15
CA VAL A 295 13.01 -6.10 0.74
C VAL A 295 12.22 -5.49 -0.44
N KCX A 296 12.08 -4.17 -0.43
CA KCX A 296 11.36 -3.48 -1.51
CB KCX A 296 10.28 -2.58 -0.91
CG KCX A 296 9.63 -1.62 -1.92
CD KCX A 296 8.84 -2.39 -2.99
CE KCX A 296 8.28 -1.43 -4.03
NZ KCX A 296 7.72 -0.23 -3.34
C KCX A 296 12.35 -2.68 -2.38
O KCX A 296 13.15 -1.90 -1.85
CX KCX A 296 6.75 0.51 -3.88
OQ1 KCX A 296 6.31 1.50 -3.26
OQ2 KCX A 296 6.29 0.24 -5.01
N LEU A 297 12.29 -2.90 -3.70
CA LEU A 297 13.11 -2.22 -4.73
C LEU A 297 12.21 -1.55 -5.80
N PHE A 298 12.79 -0.63 -6.57
CA PHE A 298 12.08 0.14 -7.62
C PHE A 298 12.87 0.05 -8.91
N VAL A 299 12.29 -0.50 -9.99
CA VAL A 299 12.93 -0.44 -11.32
C VAL A 299 12.75 0.95 -11.95
N ASP A 300 11.55 1.49 -11.86
CA ASP A 300 11.19 2.74 -12.58
C ASP A 300 10.29 3.66 -11.74
N GLY A 301 9.78 4.73 -12.37
CA GLY A 301 8.87 5.67 -11.72
C GLY A 301 7.42 5.39 -12.09
N SER A 302 6.68 6.44 -12.46
CA SER A 302 5.22 6.35 -12.63
C SER A 302 4.80 6.83 -14.02
N LEU A 303 3.66 6.36 -14.51
CA LEU A 303 3.12 6.84 -15.78
C LEU A 303 2.67 8.30 -15.74
N GLY A 304 2.19 8.75 -14.58
CA GLY A 304 1.73 10.14 -14.41
C GLY A 304 2.83 11.15 -14.61
N ALA A 305 4.00 10.83 -14.08
CA ALA A 305 5.16 11.70 -14.15
C ALA A 305 6.01 11.40 -15.41
N ARG A 306 5.60 10.40 -16.20
CA ARG A 306 6.35 9.94 -17.39
C ARG A 306 7.74 9.38 -17.03
N THR A 307 7.83 8.80 -15.83
CA THR A 307 9.08 8.18 -15.37
C THR A 307 9.02 6.64 -15.30
N ALA A 308 7.86 6.08 -15.58
CA ALA A 308 7.70 4.64 -15.79
C ALA A 308 8.45 4.28 -17.07
N LEU A 309 9.20 3.19 -17.04
CA LEU A 309 10.13 2.85 -18.14
C LEU A 309 9.47 2.07 -19.26
N LEU A 310 9.33 2.68 -20.44
CA LEU A 310 8.62 2.12 -21.57
C LEU A 310 9.64 1.66 -22.59
N SER A 311 9.26 0.69 -23.43
CA SER A 311 10.16 0.22 -24.48
CA SER A 311 10.13 0.20 -24.51
C SER A 311 10.17 1.14 -25.71
N GLU A 312 9.11 1.96 -25.87
CA GLU A 312 9.04 2.99 -26.91
CA GLU A 312 9.06 3.00 -26.90
C GLU A 312 8.65 4.32 -26.27
N PRO A 313 8.98 5.47 -26.92
CA PRO A 313 8.66 6.74 -26.22
C PRO A 313 7.19 7.03 -25.89
N TYR A 314 6.96 7.87 -24.88
CA TYR A 314 5.58 8.30 -24.50
C TYR A 314 4.85 8.90 -25.68
N THR A 315 3.56 8.57 -25.81
CA THR A 315 2.74 9.13 -26.88
C THR A 315 2.63 10.65 -26.74
N ASP A 316 2.51 11.14 -25.50
CA ASP A 316 2.42 12.58 -25.26
C ASP A 316 3.72 13.27 -24.80
N ASN A 317 4.84 12.56 -24.96
CA ASN A 317 6.20 13.16 -24.95
C ASN A 317 7.18 12.22 -25.65
N PRO A 318 7.28 12.31 -27.01
CA PRO A 318 8.13 11.41 -27.79
C PRO A 318 9.64 11.55 -27.55
N THR A 319 10.05 12.48 -26.68
CA THR A 319 11.45 12.73 -26.39
C THR A 319 11.93 11.89 -25.18
N THR A 320 11.00 11.16 -24.53
CA THR A 320 11.36 10.35 -23.36
C THR A 320 10.69 8.99 -23.33
N SER A 321 11.36 8.02 -22.71
CA SER A 321 10.80 6.68 -22.51
C SER A 321 10.78 6.32 -21.02
N GLY A 322 10.99 7.32 -20.16
CA GLY A 322 10.91 7.14 -18.72
C GLY A 322 12.29 6.98 -18.10
N GLU A 323 12.33 6.57 -16.83
CA GLU A 323 13.62 6.44 -16.16
C GLU A 323 13.90 5.08 -15.52
N LEU A 324 15.11 4.58 -15.74
CA LEU A 324 15.55 3.37 -15.08
C LEU A 324 16.20 3.80 -13.78
N VAL A 325 15.56 3.41 -12.66
CA VAL A 325 16.05 3.68 -11.29
C VAL A 325 17.05 2.61 -10.81
N MET A 326 16.75 1.34 -11.06
CA MET A 326 17.68 0.23 -10.78
C MET A 326 17.65 -0.73 -11.96
N ASN A 327 18.84 -1.14 -12.42
CA ASN A 327 18.91 -2.04 -13.57
C ASN A 327 18.92 -3.50 -13.12
N LYS A 328 18.96 -4.41 -14.08
CA LYS A 328 18.94 -5.84 -13.79
C LYS A 328 20.04 -6.30 -12.82
N ASP A 329 21.29 -5.89 -13.03
CA ASP A 329 22.43 -6.29 -12.17
C ASP A 329 22.26 -5.79 -10.73
N GLU A 330 21.67 -4.61 -10.57
CA GLU A 330 21.52 -4.02 -9.25
C GLU A 330 20.43 -4.72 -8.45
N ILE A 331 19.40 -5.20 -9.16
CA ILE A 331 18.32 -5.97 -8.54
C ILE A 331 18.86 -7.35 -8.14
N VAL A 332 19.53 -8.04 -9.08
CA VAL A 332 20.15 -9.34 -8.79
C VAL A 332 21.09 -9.29 -7.57
N GLU A 333 21.87 -8.20 -7.45
CA GLU A 333 22.77 -8.00 -6.28
C GLU A 333 22.00 -7.99 -4.94
N VAL A 334 20.85 -7.32 -4.90
CA VAL A 334 20.02 -7.28 -3.69
C VAL A 334 19.40 -8.64 -3.42
N ILE A 335 18.86 -9.27 -4.48
CA ILE A 335 18.31 -10.63 -4.39
C ILE A 335 19.33 -11.62 -3.81
N GLU A 336 20.58 -11.52 -4.22
CA GLU A 336 21.58 -12.46 -3.70
C GLU A 336 21.86 -12.24 -2.21
N ARG A 337 21.64 -11.02 -1.73
CA ARG A 337 21.75 -10.71 -0.30
C ARG A 337 20.49 -11.16 0.45
N ALA A 338 19.33 -11.13 -0.22
CA ALA A 338 18.07 -11.55 0.40
C ALA A 338 17.97 -13.07 0.56
N LYS A 339 18.48 -13.80 -0.43
CA LYS A 339 18.49 -15.27 -0.44
C LYS A 339 18.95 -15.95 0.87
N PRO A 340 20.20 -15.73 1.34
CA PRO A 340 20.52 -16.50 2.56
C PRO A 340 19.80 -15.98 3.83
N LEU A 341 19.23 -14.77 3.79
CA LEU A 341 18.40 -14.24 4.91
C LEU A 341 16.94 -14.71 4.84
N GLY A 342 16.60 -15.51 3.81
CA GLY A 342 15.25 -16.01 3.60
C GLY A 342 14.22 -14.92 3.31
N LEU A 343 14.67 -13.74 2.86
CA LEU A 343 13.77 -12.60 2.67
C LEU A 343 13.17 -12.60 1.26
N ASP A 344 11.89 -12.23 1.16
CA ASP A 344 11.23 -11.95 -0.12
C ASP A 344 11.78 -10.67 -0.79
N VAL A 345 11.62 -10.57 -2.11
CA VAL A 345 11.97 -9.34 -2.81
C VAL A 345 10.76 -8.86 -3.62
N ALA A 346 10.34 -7.63 -3.37
CA ALA A 346 9.25 -7.01 -4.10
C ALA A 346 9.82 -5.89 -4.94
N VAL A 347 9.46 -5.88 -6.21
CA VAL A 347 10.04 -4.98 -7.19
C VAL A 347 8.92 -4.17 -7.87
N HIS A 348 8.92 -2.86 -7.65
CA HIS A 348 8.01 -1.92 -8.35
C HIS A 348 8.39 -1.84 -9.84
N ALA A 349 7.46 -2.25 -10.70
CA ALA A 349 7.62 -2.11 -12.15
C ALA A 349 6.30 -1.70 -12.79
N ILE A 350 6.29 -0.51 -13.37
CA ILE A 350 5.08 0.07 -13.95
C ILE A 350 5.08 0.00 -15.47
N GLY A 351 6.15 0.52 -16.08
CA GLY A 351 6.28 0.51 -17.53
C GLY A 351 6.55 -0.89 -18.06
N ASP A 352 6.22 -1.15 -19.32
CA ASP A 352 6.41 -2.49 -19.91
C ASP A 352 7.86 -2.95 -19.93
N LYS A 353 8.78 -2.00 -20.10
CA LYS A 353 10.20 -2.32 -20.11
C LYS A 353 10.73 -2.57 -18.69
N ALA A 354 10.19 -1.84 -17.72
CA ALA A 354 10.51 -2.10 -16.31
C ALA A 354 10.16 -3.53 -15.94
N VAL A 355 9.02 -4.01 -16.46
CA VAL A 355 8.55 -5.37 -16.24
C VAL A 355 9.55 -6.41 -16.80
N ASP A 356 10.09 -6.13 -17.99
CA ASP A 356 11.19 -6.91 -18.58
C ASP A 356 12.42 -6.97 -17.69
N VAL A 357 12.81 -5.83 -17.11
CA VAL A 357 13.99 -5.74 -16.23
C VAL A 357 13.79 -6.61 -14.98
N ALA A 358 12.59 -6.53 -14.40
CA ALA A 358 12.22 -7.33 -13.21
C ALA A 358 12.18 -8.83 -13.52
N LEU A 359 11.55 -9.22 -14.63
CA LEU A 359 11.55 -10.61 -15.09
C LEU A 359 12.95 -11.16 -15.39
N ASP A 360 13.79 -10.37 -16.06
CA ASP A 360 15.19 -10.73 -16.29
C ASP A 360 15.93 -10.98 -14.98
N ALA A 361 15.69 -10.12 -14.00
CA ALA A 361 16.38 -10.21 -12.73
C ALA A 361 15.98 -11.47 -11.96
N PHE A 362 14.67 -11.78 -11.97
CA PHE A 362 14.15 -12.98 -11.32
C PHE A 362 14.60 -14.27 -12.01
N GLU A 363 14.60 -14.24 -13.33
CA GLU A 363 15.08 -15.36 -14.14
C GLU A 363 16.53 -15.70 -13.85
N GLU A 364 17.39 -14.68 -13.87
CA GLU A 364 18.83 -14.87 -13.72
C GLU A 364 19.16 -15.38 -12.33
N ALA A 365 18.52 -14.80 -11.33
CA ALA A 365 18.75 -15.20 -9.94
C ALA A 365 18.00 -16.48 -9.53
N GLU A 366 17.19 -17.02 -10.44
CA GLU A 366 16.34 -18.20 -10.21
C GLU A 366 15.48 -18.02 -8.97
N PHE A 367 14.85 -16.85 -8.89
CA PHE A 367 14.21 -16.41 -7.69
C PHE A 367 12.79 -16.02 -8.03
N SER A 368 11.82 -16.58 -7.34
CA SER A 368 10.42 -16.23 -7.66
C SER A 368 9.97 -15.07 -6.78
N GLY A 369 10.10 -13.85 -7.29
CA GLY A 369 9.82 -12.67 -6.51
C GLY A 369 8.41 -12.19 -6.75
N ARG A 370 8.12 -10.98 -6.29
CA ARG A 370 6.87 -10.36 -6.60
C ARG A 370 7.09 -9.03 -7.31
N ILE A 371 6.11 -8.65 -8.12
CA ILE A 371 6.11 -7.37 -8.82
C ILE A 371 4.93 -6.53 -8.30
N GLU A 372 5.24 -5.31 -7.89
CA GLU A 372 4.25 -4.35 -7.48
C GLU A 372 3.83 -3.54 -8.71
N HIS A 373 2.52 -3.38 -8.86
CA HIS A 373 1.82 -2.66 -9.95
C HIS A 373 1.63 -3.46 -11.23
N ALA A 374 2.75 -3.82 -11.87
CA ALA A 374 2.74 -4.45 -13.21
C ALA A 374 1.73 -3.77 -14.15
N SER A 375 1.77 -2.45 -14.19
CA SER A 375 0.72 -1.62 -14.79
C SER A 375 0.56 -1.88 -16.29
N LEU A 376 1.68 -1.96 -17.00
CA LEU A 376 1.67 -2.38 -18.41
C LEU A 376 2.32 -3.74 -18.63
N VAL A 377 1.52 -4.72 -19.05
CA VAL A 377 2.03 -6.05 -19.36
C VAL A 377 1.66 -6.40 -20.80
N ARG A 378 2.68 -6.68 -21.60
CA ARG A 378 2.47 -7.07 -22.99
C ARG A 378 2.06 -8.55 -23.07
N ASP A 379 1.34 -8.90 -24.15
CA ASP A 379 1.00 -10.29 -24.48
C ASP A 379 2.21 -11.22 -24.44
N ASP A 380 3.33 -10.76 -25.00
CA ASP A 380 4.55 -11.55 -25.03
C ASP A 380 5.23 -11.74 -23.67
N GLN A 381 4.81 -10.96 -22.66
CA GLN A 381 5.39 -11.11 -21.33
C GLN A 381 4.64 -12.11 -20.47
N LEU A 382 3.41 -12.42 -20.87
CA LEU A 382 2.51 -13.31 -20.12
C LEU A 382 3.07 -14.72 -19.87
N GLU A 383 3.63 -15.34 -20.91
CA GLU A 383 4.25 -16.65 -20.74
C GLU A 383 5.38 -16.67 -19.72
N ARG A 384 6.19 -15.60 -19.69
CA ARG A 384 7.31 -15.51 -18.75
C ARG A 384 6.82 -15.39 -17.31
N ILE A 385 5.74 -14.63 -17.11
CA ILE A 385 5.14 -14.43 -15.80
C ILE A 385 4.55 -15.72 -15.26
N LYS A 386 3.80 -16.42 -16.11
CA LYS A 386 3.24 -17.74 -15.80
C LYS A 386 4.33 -18.74 -15.40
N GLU A 387 5.38 -18.84 -16.24
CA GLU A 387 6.45 -19.84 -16.12
C GLU A 387 7.35 -19.63 -14.89
N LEU A 388 7.64 -18.36 -14.58
CA LEU A 388 8.43 -17.98 -13.41
C LEU A 388 7.58 -17.87 -12.14
N LYS A 389 6.25 -17.99 -12.28
CA LYS A 389 5.29 -17.90 -11.15
C LYS A 389 5.48 -16.63 -10.30
N VAL A 390 5.73 -15.51 -10.98
CA VAL A 390 5.91 -14.21 -10.32
C VAL A 390 4.60 -13.77 -9.70
N ARG A 391 4.65 -13.40 -8.43
CA ARG A 391 3.48 -12.91 -7.72
C ARG A 391 3.33 -11.43 -8.05
N ILE A 392 2.08 -10.96 -8.14
CA ILE A 392 1.80 -9.59 -8.58
C ILE A 392 0.82 -8.91 -7.61
N SER A 393 1.18 -7.72 -7.18
CA SER A 393 0.26 -6.89 -6.41
C SER A 393 -0.23 -5.74 -7.29
N ALA A 394 -1.54 -5.71 -7.53
CA ALA A 394 -2.17 -4.71 -8.41
C ALA A 394 -3.18 -3.87 -7.64
N GLN A 395 -3.39 -2.64 -8.11
CA GLN A 395 -4.23 -1.65 -7.46
C GLN A 395 -5.39 -1.29 -8.39
N PRO A 396 -6.57 -1.94 -8.18
CA PRO A 396 -7.64 -1.72 -9.15
C PRO A 396 -8.15 -0.28 -9.24
N HIS A 397 -8.07 0.49 -8.16
CA HIS A 397 -8.53 1.88 -8.20
C HIS A 397 -7.69 2.76 -9.14
N PHE A 398 -6.49 2.33 -9.51
CA PHE A 398 -5.69 3.02 -10.54
C PHE A 398 -6.48 3.15 -11.85
N ILE A 399 -7.35 2.17 -12.13
CA ILE A 399 -8.21 2.22 -13.32
C ILE A 399 -9.11 3.47 -13.33
N VAL A 400 -9.73 3.75 -12.17
CA VAL A 400 -10.53 4.96 -11.96
C VAL A 400 -9.68 6.26 -11.99
N SER A 401 -8.56 6.26 -11.28
CA SER A 401 -7.76 7.48 -11.07
CA SER A 401 -7.80 7.50 -11.08
C SER A 401 -6.96 7.92 -12.27
N ASP A 402 -6.42 6.94 -13.02
CA ASP A 402 -5.50 7.23 -14.11
C ASP A 402 -6.23 7.34 -15.44
N TRP A 403 -7.11 8.34 -15.57
CA TRP A 403 -7.91 8.57 -16.77
C TRP A 403 -7.03 8.92 -17.98
N TRP A 404 -5.80 9.37 -17.70
CA TRP A 404 -4.87 9.84 -18.72
C TRP A 404 -3.99 8.75 -19.35
N ILE A 405 -4.30 7.48 -19.08
CA ILE A 405 -3.50 6.34 -19.60
C ILE A 405 -3.36 6.35 -21.13
N VAL A 406 -4.48 6.50 -21.85
CA VAL A 406 -4.45 6.58 -23.30
C VAL A 406 -3.61 7.78 -23.80
N ASN A 407 -3.70 8.92 -23.12
CA ASN A 407 -2.85 10.06 -23.44
C ASN A 407 -1.36 9.75 -23.34
N ARG A 408 -0.95 8.99 -22.31
CA ARG A 408 0.47 8.66 -22.09
C ARG A 408 1.03 7.64 -23.08
N VAL A 409 0.25 6.62 -23.40
CA VAL A 409 0.77 5.46 -24.11
C VAL A 409 0.03 5.13 -25.40
N GLY A 410 -1.08 5.81 -25.68
CA GLY A 410 -1.79 5.59 -26.94
C GLY A 410 -2.77 4.43 -26.83
N GLU A 411 -3.67 4.35 -27.80
CA GLU A 411 -4.72 3.32 -27.84
C GLU A 411 -4.19 1.88 -27.86
N GLU A 412 -3.11 1.62 -28.59
CA GLU A 412 -2.59 0.24 -28.70
C GLU A 412 -1.94 -0.23 -27.39
N ARG A 413 -1.10 0.61 -26.80
CA ARG A 413 -0.41 0.20 -25.56
C ARG A 413 -1.34 0.26 -24.34
N ALA A 414 -2.45 0.99 -24.46
CA ALA A 414 -3.47 1.02 -23.40
C ALA A 414 -4.12 -0.35 -23.19
N LYS A 415 -4.07 -1.20 -24.21
CA LYS A 415 -4.47 -2.60 -24.08
C LYS A 415 -3.62 -3.40 -23.07
N TRP A 416 -2.41 -2.92 -22.80
CA TRP A 416 -1.53 -3.57 -21.83
C TRP A 416 -1.89 -3.23 -20.38
N ALA A 417 -2.75 -2.24 -20.18
CA ALA A 417 -2.91 -1.64 -18.86
C ALA A 417 -3.89 -2.36 -17.94
N TYR A 418 -3.44 -2.59 -16.70
CA TYR A 418 -4.30 -3.07 -15.59
C TYR A 418 -5.11 -4.30 -15.97
N ARG A 419 -4.37 -5.31 -16.43
CA ARG A 419 -4.94 -6.53 -16.98
C ARG A 419 -5.28 -7.52 -15.86
N LEU A 420 -6.20 -7.11 -14.99
CA LEU A 420 -6.50 -7.84 -13.75
C LEU A 420 -6.95 -9.26 -14.00
N LYS A 421 -7.87 -9.43 -14.96
CA LYS A 421 -8.42 -10.75 -15.25
C LYS A 421 -7.33 -11.68 -15.83
N THR A 422 -6.56 -11.17 -16.78
CA THR A 422 -5.50 -11.93 -17.42
C THR A 422 -4.41 -12.32 -16.43
N LEU A 423 -3.87 -11.35 -15.70
CA LEU A 423 -2.85 -11.63 -14.70
C LEU A 423 -3.29 -12.62 -13.61
N SER A 424 -4.52 -12.48 -13.12
CA SER A 424 -5.01 -13.39 -12.09
C SER A 424 -5.25 -14.83 -12.60
N SER A 425 -5.46 -15.00 -13.91
CA SER A 425 -5.61 -16.33 -14.50
C SER A 425 -4.29 -17.06 -14.79
N ILE A 426 -3.15 -16.34 -14.79
CA ILE A 426 -1.86 -16.99 -15.12
C ILE A 426 -0.88 -17.10 -13.93
N THR A 427 -1.12 -16.34 -12.86
CA THR A 427 -0.22 -16.37 -11.70
C THR A 427 -0.99 -15.98 -10.44
N LYS A 428 -0.30 -15.99 -9.30
CA LYS A 428 -0.89 -15.49 -8.06
C LYS A 428 -0.93 -13.98 -8.06
N LEU A 429 -2.13 -13.43 -7.86
CA LEU A 429 -2.30 -11.98 -7.88
C LEU A 429 -3.06 -11.52 -6.64
N GLY A 430 -2.78 -10.32 -6.17
CA GLY A 430 -3.43 -9.80 -4.98
C GLY A 430 -3.80 -8.35 -5.18
N PHE A 431 -4.78 -7.87 -4.40
CA PHE A 431 -5.26 -6.51 -4.52
C PHE A 431 -4.73 -5.63 -3.40
N SER A 432 -4.49 -4.38 -3.76
CA SER A 432 -3.97 -3.37 -2.86
C SER A 432 -4.42 -1.99 -3.29
N THR A 433 -4.14 -1.00 -2.45
CA THR A 433 -4.51 0.37 -2.72
C THR A 433 -3.31 1.28 -2.98
N ASP A 434 -2.13 0.88 -2.48
CA ASP A 434 -0.92 1.73 -2.47
C ASP A 434 -1.22 2.98 -1.64
N SER A 435 -2.07 2.80 -0.63
CA SER A 435 -2.50 3.87 0.27
C SER A 435 -1.23 4.51 0.88
N PRO A 436 -1.19 5.87 0.94
CA PRO A 436 -2.30 6.82 0.70
C PRO A 436 -2.47 7.35 -0.74
N ILE A 437 -1.85 6.73 -1.74
CA ILE A 437 -2.04 7.15 -3.14
C ILE A 437 -3.52 7.03 -3.54
N GLU A 438 -4.12 5.86 -3.28
CA GLU A 438 -5.56 5.66 -3.53
C GLU A 438 -6.30 5.58 -2.20
N PRO A 439 -7.67 5.65 -2.22
CA PRO A 439 -8.44 5.42 -1.00
C PRO A 439 -8.17 4.04 -0.41
N ALA A 440 -8.17 3.93 0.92
CA ALA A 440 -7.89 2.64 1.56
C ALA A 440 -9.10 1.71 1.63
N ASP A 441 -10.30 2.24 1.37
CA ASP A 441 -11.58 1.48 1.45
C ASP A 441 -11.63 0.40 0.38
N PRO A 442 -11.62 -0.87 0.82
CA PRO A 442 -11.52 -1.98 -0.10
C PRO A 442 -12.72 -2.07 -1.05
N TRP A 443 -13.90 -1.71 -0.56
CA TRP A 443 -15.14 -1.74 -1.35
C TRP A 443 -15.09 -0.82 -2.55
N VAL A 444 -14.33 0.28 -2.43
CA VAL A 444 -14.17 1.25 -3.52
C VAL A 444 -13.24 0.66 -4.60
N SER A 445 -12.21 -0.09 -4.19
CA SER A 445 -11.34 -0.80 -5.14
C SER A 445 -11.98 -2.05 -5.75
N ILE A 446 -12.83 -2.74 -4.98
CA ILE A 446 -13.59 -3.90 -5.48
C ILE A 446 -14.53 -3.47 -6.63
N ASP A 447 -15.22 -2.35 -6.42
CA ASP A 447 -16.12 -1.73 -7.41
CA ASP A 447 -16.13 -1.77 -7.43
C ASP A 447 -15.38 -1.47 -8.72
N ALA A 448 -14.18 -0.93 -8.60
CA ALA A 448 -13.31 -0.66 -9.75
C ALA A 448 -12.93 -1.94 -10.53
N ALA A 449 -12.55 -2.99 -9.82
CA ALA A 449 -12.09 -4.24 -10.44
C ALA A 449 -13.21 -4.99 -11.17
N VAL A 450 -14.43 -4.82 -10.66
CA VAL A 450 -15.61 -5.47 -11.18
C VAL A 450 -16.27 -4.67 -12.30
N ASN A 451 -16.35 -3.36 -12.13
CA ASN A 451 -17.13 -2.50 -13.04
C ASN A 451 -16.35 -1.71 -14.07
N ARG A 452 -15.09 -1.43 -13.79
CA ARG A 452 -14.27 -0.53 -14.64
C ARG A 452 -13.17 -1.26 -15.42
N TYR A 453 -12.71 -0.64 -16.51
CA TYR A 453 -11.63 -1.15 -17.37
C TYR A 453 -10.94 0.04 -18.05
N VAL A 454 -9.70 -0.15 -18.52
CA VAL A 454 -9.03 0.91 -19.25
C VAL A 454 -9.61 1.03 -20.65
N VAL A 455 -9.48 -0.06 -21.43
CA VAL A 455 -10.07 -0.17 -22.76
C VAL A 455 -10.78 -1.51 -23.00
N ASP A 456 -10.33 -2.58 -22.34
CA ASP A 456 -10.89 -3.92 -22.59
C ASP A 456 -11.82 -4.38 -21.49
N PRO A 457 -13.15 -4.43 -21.76
CA PRO A 457 -14.07 -4.86 -20.70
C PRO A 457 -13.82 -6.30 -20.25
N GLY A 458 -13.15 -7.08 -21.10
CA GLY A 458 -12.67 -8.43 -20.78
C GLY A 458 -11.69 -8.51 -19.61
N GLU A 459 -11.13 -7.37 -19.18
CA GLU A 459 -10.16 -7.38 -18.08
C GLU A 459 -10.78 -7.18 -16.69
N ARG A 460 -12.10 -7.00 -16.66
CA ARG A 460 -12.88 -6.94 -15.43
C ARG A 460 -12.89 -8.34 -14.79
N VAL A 461 -12.96 -8.38 -13.47
CA VAL A 461 -13.12 -9.65 -12.75
C VAL A 461 -14.54 -9.67 -12.16
N SER A 462 -15.04 -10.85 -11.83
CA SER A 462 -16.36 -10.99 -11.19
C SER A 462 -16.26 -10.54 -9.73
N ARG A 463 -17.41 -10.29 -9.09
CA ARG A 463 -17.40 -9.91 -7.67
C ARG A 463 -16.73 -10.95 -6.76
N GLU A 464 -17.00 -12.24 -7.03
CA GLU A 464 -16.38 -13.37 -6.32
CA GLU A 464 -16.38 -13.32 -6.27
C GLU A 464 -14.86 -13.34 -6.44
N GLU A 465 -14.38 -13.12 -7.67
CA GLU A 465 -12.95 -13.12 -7.95
C GLU A 465 -12.30 -11.95 -7.23
N ALA A 466 -12.92 -10.77 -7.30
CA ALA A 466 -12.37 -9.57 -6.65
C ALA A 466 -12.24 -9.75 -5.13
N LEU A 467 -13.23 -10.37 -4.51
CA LEU A 467 -13.16 -10.69 -3.07
C LEU A 467 -12.09 -11.73 -2.77
N HIS A 468 -11.99 -12.77 -3.60
CA HIS A 468 -10.87 -13.70 -3.51
C HIS A 468 -9.51 -13.01 -3.56
N LEU A 469 -9.31 -12.17 -4.57
CA LEU A 469 -8.03 -11.42 -4.76
C LEU A 469 -7.68 -10.46 -3.62
N TYR A 470 -8.68 -9.91 -2.98
CA TYR A 470 -8.48 -8.97 -1.89
C TYR A 470 -8.39 -9.65 -0.52
N THR A 471 -8.47 -10.97 -0.51
CA THR A 471 -8.30 -11.76 0.69
C THR A 471 -7.17 -12.79 0.55
N HIS A 472 -7.49 -13.96 0.02
CA HIS A 472 -6.51 -15.01 -0.14
C HIS A 472 -5.47 -14.67 -1.21
N GLY A 473 -5.90 -13.93 -2.21
CA GLY A 473 -5.00 -13.56 -3.31
C GLY A 473 -3.83 -12.77 -2.75
N SER A 474 -4.17 -11.70 -2.04
CA SER A 474 -3.20 -10.89 -1.33
C SER A 474 -2.31 -11.68 -0.36
N ALA A 475 -2.91 -12.58 0.41
CA ALA A 475 -2.18 -13.43 1.32
C ALA A 475 -1.12 -14.27 0.61
N GLN A 476 -1.52 -14.89 -0.50
CA GLN A 476 -0.58 -15.72 -1.29
C GLN A 476 0.54 -14.91 -1.88
N VAL A 477 0.23 -13.69 -2.29
CA VAL A 477 1.19 -12.78 -2.88
C VAL A 477 2.20 -12.32 -1.83
N THR A 478 1.76 -12.29 -0.56
CA THR A 478 2.60 -11.91 0.58
C THR A 478 3.16 -13.15 1.35
N LEU A 479 3.10 -14.33 0.73
CA LEU A 479 3.64 -15.58 1.29
C LEU A 479 3.14 -15.90 2.70
N ALA A 480 1.84 -15.65 2.91
CA ALA A 480 1.15 -15.79 4.19
C ALA A 480 0.10 -16.87 4.05
N GLU A 481 0.54 -18.11 4.24
CA GLU A 481 -0.23 -19.29 3.81
C GLU A 481 -1.45 -19.60 4.69
N ASP A 482 -1.45 -19.07 5.90
CA ASP A 482 -2.55 -19.29 6.87
C ASP A 482 -3.47 -18.07 7.00
N LEU A 483 -3.46 -17.18 6.00
CA LEU A 483 -4.41 -16.06 5.96
C LEU A 483 -5.23 -16.07 4.67
N GLY A 484 -6.40 -15.42 4.71
CA GLY A 484 -7.22 -15.17 3.51
C GLY A 484 -8.46 -16.02 3.35
N LYS A 485 -8.56 -17.10 4.13
CA LYS A 485 -9.70 -18.02 4.15
C LYS A 485 -10.09 -18.26 5.60
N LEU A 486 -11.29 -18.80 5.82
CA LEU A 486 -11.72 -19.21 7.16
C LEU A 486 -11.97 -20.72 7.28
N GLU A 487 -11.15 -21.50 6.60
CA GLU A 487 -11.17 -22.98 6.76
C GLU A 487 -10.39 -23.34 8.03
N ARG A 488 -10.47 -24.60 8.46
CA ARG A 488 -9.72 -25.10 9.63
C ARG A 488 -8.22 -24.80 9.53
N GLY A 489 -7.65 -24.25 10.59
CA GLY A 489 -6.19 -24.01 10.62
C GLY A 489 -5.77 -22.59 10.24
N PHE A 490 -6.64 -21.87 9.53
CA PHE A 490 -6.37 -20.49 9.13
C PHE A 490 -6.47 -19.57 10.33
N ARG A 491 -5.68 -18.50 10.33
CA ARG A 491 -5.79 -17.46 11.35
C ARG A 491 -7.16 -16.80 11.22
N ALA A 492 -7.81 -16.60 12.37
CA ALA A 492 -9.21 -16.17 12.38
C ALA A 492 -9.29 -14.65 12.25
N GLU A 493 -9.09 -14.15 11.03
CA GLU A 493 -9.27 -12.74 10.72
C GLU A 493 -10.55 -12.67 9.91
N TYR A 494 -11.60 -12.16 10.54
CA TYR A 494 -12.90 -12.13 9.92
C TYR A 494 -13.57 -10.80 10.14
N ILE A 495 -14.52 -10.48 9.26
CA ILE A 495 -15.34 -9.29 9.47
C ILE A 495 -16.81 -9.70 9.39
N ILE A 496 -17.66 -8.95 10.09
CA ILE A 496 -19.09 -9.25 10.16
C ILE A 496 -19.87 -8.14 9.44
N LEU A 497 -20.72 -8.56 8.50
CA LEU A 497 -21.45 -7.64 7.63
C LEU A 497 -22.97 -7.86 7.77
N ASP A 498 -23.73 -6.76 7.74
CA ASP A 498 -25.19 -6.82 7.71
C ASP A 498 -25.75 -7.37 6.39
N ARG A 499 -25.12 -7.00 5.27
CA ARG A 499 -25.56 -7.43 3.94
C ARG A 499 -24.64 -8.52 3.37
N ASP A 500 -25.17 -9.34 2.46
CA ASP A 500 -24.38 -10.31 1.70
C ASP A 500 -23.31 -9.60 0.87
N PRO A 501 -22.03 -9.95 1.10
CA PRO A 501 -20.97 -9.37 0.29
C PRO A 501 -20.99 -9.81 -1.18
N LEU A 502 -21.73 -10.87 -1.53
CA LEU A 502 -21.85 -11.30 -2.93
C LEU A 502 -23.00 -10.66 -3.73
N LYS A 503 -23.85 -9.88 -3.07
CA LYS A 503 -25.01 -9.22 -3.71
C LYS A 503 -24.71 -7.89 -4.42
ZN ZN B . 3.99 1.91 -3.13
ZN ZN C . 5.42 1.58 -6.29
#